data_9LEM
#
_entry.id   9LEM
#
_cell.length_a   1.00
_cell.length_b   1.00
_cell.length_c   1.00
_cell.angle_alpha   90.00
_cell.angle_beta   90.00
_cell.angle_gamma   90.00
#
_symmetry.space_group_name_H-M   'P 1'
#
_entity_poly.entity_id   1
_entity_poly.type   'polyribonucleotide'
_entity_poly.pdbx_seq_one_letter_code
;GGAGUAGGCGUUGCGCAUUUUGUUGCUCAAAAGGCGACGAAACGCAAGGCAAUGCACGUCUGCGAUACACGAAAACAAUG
CUAUUUGUUGAAAAUAUUGGAAUAAAGCAAAAGUCAUUGCCCGUCGCAAACGAAAGUGUGCUUCGGUAGCUAGGCUACCU
GCUAGAGUCUCGCAAGGAUAAUAGCAAAGUCAAAGAGUAAAGCAGCUUAGACCUUUAGCGGGGUUUUCGUUAAUUGAAAA
AUGGCUUAGUAGUUUGCGGCGUAACGAGUGGUUAGCGAUACUAACCGCGCAUGGUUGUUACUUGAAGGGAUUUGAGUGGA
UAAAAAACUAAAACAUAAGGUUUUGAAAGACAACUGACUAAACGUGUAAUCUCAGCGUAUUUGCAUUUGGAAAGUUACUC
AAGUGGUUUAAGAGGACAGGUUGCUACCUUGUUAGGCGUGUAAAAGCGUGCGUGGGUUCGAAUCCUACACUUUCUA
;
_entity_poly.pdbx_strand_id   J,A,B,C,D,E,F,G,H,I
#